data_2JAD
#
_entry.id   2JAD
#
_cell.length_a   132.111
_cell.length_b   132.111
_cell.length_c   58.722
_cell.angle_alpha   90.00
_cell.angle_beta   90.00
_cell.angle_gamma   120.00
#
_symmetry.space_group_name_H-M   'P 64'
#
loop_
_entity.id
_entity.type
_entity.pdbx_description
1 polymer 'YELLOW FLUORESCENT PROTEIN GLUTAREDOXIN FUSION PROTEIN'
2 non-polymer 'SULFATE ION'
3 water water
#
_entity_poly.entity_id   1
_entity_poly.type   'polypeptide(L)'
_entity_poly.pdbx_seq_one_letter_code
;MSKGEELFTGVVPILVELDGDVNGHKFSVSGEGEGDATYGKLTLKFIVTTGKLPVPWPTLVTTF(PIA)LQCFARYPDHM
KRHDFFKSAMPEGYVQERTIFFKDDGNYKTRAEVKFEGDTLVNRIELKGIDFKEDGNILGHKLEYNYNSHCVYIVADKQK
NGIKVNFKIRHNIEDGSVQLADHYQQNTPIGDGPVLLPDNHYLCYQSALSKDPNEKRDHMVLLEFVTAAGITHGMHELYK
SGSGSGSGMVSQETIKHVKDLIAENEIFVASKTYCPYSHAALNTLFEKLKVPRSKVLVLQLNDMKEGADIQAALYEINGQ
RTVPNIYINGKHIGGNDDLQELRETGELEELLEPILANLEHHHHHH
;
_entity_poly.pdbx_strand_id   A
#
# COMPACT_ATOMS: atom_id res chain seq x y z
N SER A 2 -22.79 -4.40 -5.84
CA SER A 2 -21.49 -4.01 -6.46
C SER A 2 -20.43 -5.06 -6.14
N LYS A 3 -19.26 -4.89 -6.73
CA LYS A 3 -18.17 -5.83 -6.51
C LYS A 3 -16.90 -5.18 -5.97
N GLY A 4 -16.10 -5.96 -5.25
CA GLY A 4 -14.85 -5.44 -4.71
C GLY A 4 -14.89 -4.09 -4.02
N GLU A 5 -13.92 -3.24 -4.34
CA GLU A 5 -13.81 -1.92 -3.73
C GLU A 5 -15.00 -0.98 -3.85
N GLU A 6 -15.86 -1.18 -4.85
CA GLU A 6 -17.02 -0.31 -5.00
C GLU A 6 -17.85 -0.32 -3.73
N LEU A 7 -17.86 -1.47 -3.05
CA LEU A 7 -18.63 -1.63 -1.82
C LEU A 7 -18.10 -0.83 -0.64
N PHE A 8 -16.92 -0.23 -0.76
CA PHE A 8 -16.36 0.52 0.36
C PHE A 8 -16.19 2.01 0.13
N THR A 9 -16.70 2.52 -0.99
CA THR A 9 -16.54 3.95 -1.28
C THR A 9 -17.07 4.90 -0.22
N GLY A 10 -18.13 4.51 0.50
CA GLY A 10 -18.64 5.39 1.53
C GLY A 10 -18.46 4.78 2.91
N VAL A 11 -19.22 5.26 3.88
CA VAL A 11 -19.16 4.73 5.25
C VAL A 11 -19.98 3.45 5.31
N VAL A 12 -19.37 2.38 5.79
CA VAL A 12 -20.04 1.09 5.86
C VAL A 12 -20.29 0.60 7.29
N PRO A 13 -21.52 0.11 7.56
CA PRO A 13 -21.88 -0.39 8.89
C PRO A 13 -21.17 -1.71 9.12
N ILE A 14 -20.74 -1.93 10.35
CA ILE A 14 -20.03 -3.15 10.70
C ILE A 14 -20.63 -3.86 11.90
N LEU A 15 -20.61 -5.18 11.85
CA LEU A 15 -21.11 -6.02 12.93
C LEU A 15 -20.07 -7.09 13.22
N VAL A 16 -19.77 -7.29 14.50
CA VAL A 16 -18.79 -8.29 14.88
C VAL A 16 -19.35 -9.23 15.93
N GLU A 17 -19.11 -10.53 15.77
CA GLU A 17 -19.57 -11.54 16.70
C GLU A 17 -18.45 -12.52 17.00
N LEU A 18 -18.19 -12.75 18.29
CA LEU A 18 -17.14 -13.69 18.67
C LEU A 18 -17.53 -14.61 19.81
N ASP A 19 -17.24 -15.90 19.63
CA ASP A 19 -17.50 -16.88 20.67
C ASP A 19 -16.14 -17.45 21.02
N GLY A 20 -15.77 -17.32 22.28
CA GLY A 20 -14.47 -17.83 22.69
C GLY A 20 -14.45 -18.65 23.95
N ASP A 21 -13.45 -19.52 24.03
CA ASP A 21 -13.27 -20.38 25.18
C ASP A 21 -11.77 -20.48 25.40
N VAL A 22 -11.29 -19.73 26.38
CA VAL A 22 -9.88 -19.73 26.72
C VAL A 22 -9.72 -20.53 28.00
N ASN A 23 -8.88 -21.56 27.96
CA ASN A 23 -8.66 -22.39 29.15
C ASN A 23 -9.97 -22.81 29.80
N GLY A 24 -10.97 -23.15 29.00
CA GLY A 24 -12.25 -23.58 29.54
C GLY A 24 -13.22 -22.48 29.90
N HIS A 25 -12.74 -21.24 29.98
CA HIS A 25 -13.60 -20.11 30.32
C HIS A 25 -14.33 -19.55 29.11
N LYS A 26 -15.56 -20.02 28.90
CA LYS A 26 -16.38 -19.56 27.78
C LYS A 26 -16.86 -18.12 27.98
N PHE A 27 -17.05 -17.42 26.86
CA PHE A 27 -17.51 -16.03 26.88
C PHE A 27 -17.82 -15.68 25.44
N SER A 28 -18.61 -14.63 25.24
CA SER A 28 -18.92 -14.22 23.88
C SER A 28 -19.16 -12.72 23.83
N VAL A 29 -18.64 -12.07 22.80
CA VAL A 29 -18.77 -10.62 22.66
C VAL A 29 -19.50 -10.19 21.39
N SER A 30 -20.16 -9.04 21.47
CA SER A 30 -20.87 -8.49 20.33
C SER A 30 -20.28 -7.11 20.14
N GLY A 31 -20.13 -6.68 18.89
CA GLY A 31 -19.59 -5.37 18.63
C GLY A 31 -20.17 -4.72 17.39
N GLU A 32 -20.23 -3.39 17.37
CA GLU A 32 -20.76 -2.67 16.22
C GLU A 32 -19.99 -1.37 15.99
N GLY A 33 -20.11 -0.83 14.79
CA GLY A 33 -19.41 0.41 14.46
C GLY A 33 -19.54 0.69 12.98
N GLU A 34 -18.52 1.31 12.40
CA GLU A 34 -18.56 1.62 10.98
C GLU A 34 -17.16 1.79 10.39
N GLY A 35 -17.05 1.57 9.09
CA GLY A 35 -15.77 1.71 8.44
C GLY A 35 -15.81 2.76 7.34
N ASP A 36 -14.68 3.41 7.09
CA ASP A 36 -14.60 4.41 6.04
C ASP A 36 -13.23 4.23 5.36
N ALA A 37 -13.15 3.19 4.53
CA ALA A 37 -11.91 2.84 3.83
C ALA A 37 -11.14 3.98 3.16
N THR A 38 -11.84 5.01 2.70
CA THR A 38 -11.20 6.15 2.02
C THR A 38 -10.23 6.87 2.96
N TYR A 39 -10.52 6.82 4.24
CA TYR A 39 -9.69 7.46 5.25
C TYR A 39 -9.04 6.39 6.14
N GLY A 40 -9.31 5.13 5.82
CA GLY A 40 -8.76 4.02 6.59
C GLY A 40 -9.23 4.06 8.04
N LYS A 41 -10.48 4.48 8.23
CA LYS A 41 -11.06 4.62 9.55
C LYS A 41 -11.91 3.45 10.04
N LEU A 42 -11.82 3.18 11.34
CA LEU A 42 -12.58 2.13 11.97
C LEU A 42 -13.01 2.59 13.36
N THR A 43 -14.29 2.47 13.66
CA THR A 43 -14.82 2.87 14.96
C THR A 43 -15.76 1.75 15.42
N LEU A 44 -15.36 1.06 16.47
CA LEU A 44 -16.16 -0.04 16.99
C LEU A 44 -16.38 0.00 18.49
N LYS A 45 -17.41 -0.69 18.93
CA LYS A 45 -17.71 -0.80 20.35
C LYS A 45 -18.06 -2.25 20.62
N PHE A 46 -17.32 -2.87 21.53
CA PHE A 46 -17.58 -4.24 21.86
C PHE A 46 -18.17 -4.36 23.25
N ILE A 47 -19.07 -5.32 23.41
CA ILE A 47 -19.71 -5.55 24.68
C ILE A 47 -19.75 -7.05 24.95
N VAL A 48 -19.34 -7.44 26.15
CA VAL A 48 -19.36 -8.86 26.48
C VAL A 48 -20.76 -9.25 26.97
N THR A 49 -21.33 -10.23 26.26
CA THR A 49 -22.67 -10.75 26.49
C THR A 49 -22.81 -11.71 27.66
N THR A 50 -21.75 -12.48 27.92
CA THR A 50 -21.78 -13.48 28.96
C THR A 50 -21.37 -13.08 30.35
N GLY A 51 -21.02 -11.82 30.55
CA GLY A 51 -20.61 -11.37 31.87
C GLY A 51 -19.36 -10.53 31.77
N LYS A 52 -18.21 -11.13 32.03
CA LYS A 52 -16.98 -10.38 31.93
C LYS A 52 -15.98 -11.15 31.07
N LEU A 53 -14.85 -10.52 30.80
CA LEU A 53 -13.82 -11.12 29.98
C LEU A 53 -12.76 -11.83 30.83
N PRO A 54 -12.47 -13.10 30.50
CA PRO A 54 -11.47 -13.87 31.25
C PRO A 54 -10.06 -13.53 30.76
N VAL A 55 -9.99 -12.65 29.76
CA VAL A 55 -8.71 -12.21 29.21
C VAL A 55 -8.77 -10.70 29.02
N PRO A 56 -7.60 -10.04 28.90
CA PRO A 56 -7.53 -8.59 28.69
C PRO A 56 -8.08 -8.20 27.31
N TRP A 57 -8.77 -7.08 27.24
CA TRP A 57 -9.33 -6.64 25.96
C TRP A 57 -8.22 -6.48 24.92
N PRO A 58 -7.11 -5.82 25.28
CA PRO A 58 -6.00 -5.59 24.35
C PRO A 58 -5.51 -6.81 23.60
N THR A 59 -5.65 -8.00 24.19
CA THR A 59 -5.18 -9.21 23.52
C THR A 59 -6.20 -9.70 22.51
N LEU A 60 -7.27 -8.95 22.29
CA LEU A 60 -8.29 -9.35 21.34
C LEU A 60 -8.45 -8.38 20.17
N VAL A 61 -7.75 -7.26 20.26
CA VAL A 61 -7.81 -6.26 19.22
C VAL A 61 -7.57 -6.79 17.80
N THR A 62 -6.48 -7.52 17.58
CA THR A 62 -6.24 -8.01 16.24
C THR A 62 -7.32 -8.96 15.78
N THR A 63 -7.89 -9.74 16.69
CA THR A 63 -8.94 -10.68 16.33
C THR A 63 -10.22 -9.92 15.96
N PHE A 64 -10.55 -8.91 16.75
CA PHE A 64 -11.73 -8.10 16.48
C PHE A 64 -11.51 -7.25 15.23
N LEU A 66 -10.48 -6.30 10.62
CA LEU A 66 -11.23 -5.91 9.43
C LEU A 66 -10.35 -5.12 8.48
N GLN A 67 -9.35 -5.79 7.93
CA GLN A 67 -8.40 -5.16 7.03
C GLN A 67 -8.96 -4.71 5.69
N CYS A 68 -10.23 -5.02 5.43
CA CYS A 68 -10.82 -4.59 4.17
C CYS A 68 -11.13 -3.10 4.28
N PHE A 69 -10.86 -2.53 5.44
CA PHE A 69 -11.12 -1.12 5.67
C PHE A 69 -9.90 -0.22 5.66
N ALA A 70 -8.73 -0.82 5.42
CA ALA A 70 -7.49 -0.07 5.35
C ALA A 70 -7.52 0.85 4.14
N ARG A 71 -6.78 1.95 4.23
CA ARG A 71 -6.72 2.87 3.12
C ARG A 71 -5.59 2.48 2.18
N TYR A 72 -5.94 2.22 0.92
CA TYR A 72 -4.96 1.87 -0.10
C TYR A 72 -4.82 3.07 -1.03
N PRO A 73 -3.62 3.68 -1.05
CA PRO A 73 -3.31 4.85 -1.89
C PRO A 73 -3.66 4.63 -3.36
N ASP A 74 -3.90 5.71 -4.08
CA ASP A 74 -4.24 5.63 -5.50
C ASP A 74 -3.32 4.81 -6.37
N HIS A 75 -2.07 4.63 -5.95
CA HIS A 75 -1.14 3.86 -6.74
C HIS A 75 -0.99 2.40 -6.27
N MET A 76 -1.84 1.99 -5.33
CA MET A 76 -1.79 0.63 -4.80
C MET A 76 -3.13 -0.11 -4.84
N LYS A 77 -4.05 0.34 -5.68
CA LYS A 77 -5.35 -0.30 -5.79
C LYS A 77 -5.26 -1.76 -6.23
N ARG A 78 -4.24 -2.11 -7.02
CA ARG A 78 -4.08 -3.48 -7.48
C ARG A 78 -3.66 -4.46 -6.38
N HIS A 79 -3.25 -3.95 -5.23
CA HIS A 79 -2.79 -4.80 -4.15
C HIS A 79 -3.77 -4.93 -3.01
N ASP A 80 -4.98 -4.41 -3.18
CA ASP A 80 -5.98 -4.51 -2.12
C ASP A 80 -6.69 -5.87 -2.16
N PHE A 81 -6.08 -6.89 -1.56
CA PHE A 81 -6.68 -8.22 -1.59
C PHE A 81 -8.03 -8.31 -0.89
N PHE A 82 -8.12 -7.70 0.30
CA PHE A 82 -9.31 -7.75 1.13
C PHE A 82 -10.60 -7.30 0.46
N LYS A 83 -10.58 -6.13 -0.15
CA LYS A 83 -11.79 -5.65 -0.77
C LYS A 83 -12.14 -6.42 -2.03
N SER A 84 -11.14 -6.99 -2.69
CA SER A 84 -11.41 -7.72 -3.93
C SER A 84 -12.16 -9.02 -3.69
N ALA A 85 -12.16 -9.49 -2.45
CA ALA A 85 -12.85 -10.72 -2.09
C ALA A 85 -14.34 -10.48 -1.82
N MET A 86 -14.70 -9.23 -1.59
CA MET A 86 -16.09 -8.89 -1.33
C MET A 86 -16.93 -8.86 -2.60
N PRO A 87 -18.25 -9.06 -2.46
CA PRO A 87 -19.02 -9.29 -1.23
C PRO A 87 -18.96 -10.70 -0.62
N GLU A 88 -18.54 -11.69 -1.40
CA GLU A 88 -18.48 -13.06 -0.89
C GLU A 88 -17.62 -13.22 0.36
N GLY A 89 -16.51 -12.49 0.44
CA GLY A 89 -15.67 -12.56 1.63
C GLY A 89 -14.45 -13.45 1.62
N TYR A 90 -13.86 -13.60 2.81
CA TYR A 90 -12.67 -14.41 3.00
C TYR A 90 -12.67 -14.96 4.42
N VAL A 91 -11.87 -15.99 4.64
CA VAL A 91 -11.75 -16.58 5.97
C VAL A 91 -10.40 -16.14 6.53
N GLN A 92 -10.39 -15.73 7.79
CA GLN A 92 -9.12 -15.34 8.39
C GLN A 92 -8.79 -16.27 9.54
N GLU A 93 -7.66 -16.95 9.43
CA GLU A 93 -7.23 -17.87 10.46
C GLU A 93 -5.94 -17.38 11.10
N ARG A 94 -5.83 -17.59 12.39
CA ARG A 94 -4.65 -17.18 13.12
C ARG A 94 -4.36 -18.05 14.32
N THR A 95 -3.09 -18.07 14.69
CA THR A 95 -2.62 -18.78 15.86
C THR A 95 -1.70 -17.76 16.49
N ILE A 96 -2.08 -17.28 17.67
CA ILE A 96 -1.29 -16.29 18.38
C ILE A 96 -0.59 -16.90 19.57
N PHE A 97 0.73 -16.99 19.51
CA PHE A 97 1.48 -17.55 20.62
C PHE A 97 1.89 -16.47 21.60
N PHE A 98 1.51 -16.66 22.86
CA PHE A 98 1.85 -15.70 23.89
C PHE A 98 3.12 -16.20 24.58
N LYS A 99 4.20 -15.44 24.42
CA LYS A 99 5.49 -15.82 24.99
C LYS A 99 5.40 -16.21 26.45
N ASP A 100 5.88 -17.42 26.73
CA ASP A 100 5.89 -17.97 28.08
C ASP A 100 4.47 -18.11 28.61
N ASP A 101 3.55 -18.47 27.72
CA ASP A 101 2.16 -18.65 28.12
C ASP A 101 1.34 -19.39 27.07
N GLY A 102 0.02 -19.28 27.14
CA GLY A 102 -0.83 -19.98 26.19
C GLY A 102 -0.95 -19.36 24.81
N ASN A 103 -1.76 -20.01 23.97
CA ASN A 103 -1.96 -19.54 22.60
C ASN A 103 -3.44 -19.52 22.23
N TYR A 104 -3.77 -18.67 21.26
CA TYR A 104 -5.12 -18.55 20.73
C TYR A 104 -5.10 -19.14 19.33
N LYS A 105 -6.20 -19.76 18.94
CA LYS A 105 -6.34 -20.26 17.59
C LYS A 105 -7.65 -19.63 17.18
N THR A 106 -7.65 -18.88 16.09
CA THR A 106 -8.86 -18.21 15.66
C THR A 106 -9.22 -18.45 14.21
N ARG A 107 -10.52 -18.41 13.94
CA ARG A 107 -11.06 -18.57 12.60
C ARG A 107 -12.18 -17.55 12.49
N ALA A 108 -12.25 -16.87 11.35
CA ALA A 108 -13.27 -15.86 11.17
C ALA A 108 -13.63 -15.70 9.70
N GLU A 109 -14.91 -15.47 9.46
CA GLU A 109 -15.41 -15.28 8.11
C GLU A 109 -15.88 -13.84 8.00
N VAL A 110 -15.30 -13.12 7.05
CA VAL A 110 -15.68 -11.74 6.84
C VAL A 110 -16.44 -11.69 5.55
N LYS A 111 -17.61 -11.06 5.57
CA LYS A 111 -18.43 -10.94 4.37
C LYS A 111 -19.56 -9.95 4.55
N PHE A 112 -20.14 -9.53 3.43
CA PHE A 112 -21.26 -8.60 3.48
C PHE A 112 -22.56 -9.37 3.67
N GLU A 113 -23.40 -8.86 4.57
CA GLU A 113 -24.70 -9.44 4.84
C GLU A 113 -25.62 -8.25 4.68
N GLY A 114 -26.03 -7.99 3.44
CA GLY A 114 -26.88 -6.83 3.18
C GLY A 114 -25.94 -5.68 2.91
N ASP A 115 -26.17 -4.54 3.56
CA ASP A 115 -25.28 -3.40 3.35
C ASP A 115 -24.29 -3.38 4.49
N THR A 116 -24.28 -4.46 5.25
CA THR A 116 -23.40 -4.60 6.41
C THR A 116 -22.26 -5.59 6.25
N LEU A 117 -21.09 -5.19 6.72
CA LEU A 117 -19.91 -6.04 6.69
C LEU A 117 -19.91 -6.77 8.04
N VAL A 118 -19.92 -8.09 8.00
CA VAL A 118 -19.96 -8.85 9.25
C VAL A 118 -18.74 -9.70 9.51
N ASN A 119 -18.22 -9.60 10.74
CA ASN A 119 -17.05 -10.37 11.14
C ASN A 119 -17.47 -11.38 12.21
N ARG A 120 -17.61 -12.64 11.81
CA ARG A 120 -18.00 -13.70 12.73
C ARG A 120 -16.77 -14.51 13.13
N ILE A 121 -16.43 -14.47 14.41
CA ILE A 121 -15.24 -15.15 14.90
C ILE A 121 -15.41 -16.27 15.93
N GLU A 122 -14.45 -17.20 15.91
CA GLU A 122 -14.39 -18.33 16.84
C GLU A 122 -12.96 -18.37 17.37
N LEU A 123 -12.82 -18.33 18.69
CA LEU A 123 -11.51 -18.34 19.31
C LEU A 123 -11.37 -19.33 20.45
N LYS A 124 -10.25 -20.05 20.48
CA LYS A 124 -9.99 -20.98 21.56
C LYS A 124 -8.59 -20.80 22.12
N GLY A 125 -8.51 -20.64 23.43
CA GLY A 125 -7.22 -20.48 24.07
C GLY A 125 -6.91 -21.70 24.92
N ILE A 126 -5.64 -22.08 24.99
CA ILE A 126 -5.25 -23.24 25.77
C ILE A 126 -3.90 -23.01 26.42
N ASP A 127 -3.60 -23.82 27.42
CA ASP A 127 -2.33 -23.78 28.15
C ASP A 127 -1.92 -22.40 28.69
N PHE A 128 -2.88 -21.64 29.20
CA PHE A 128 -2.56 -20.33 29.77
C PHE A 128 -2.33 -20.43 31.27
N LYS A 129 -1.30 -19.75 31.76
CA LYS A 129 -0.95 -19.73 33.17
C LYS A 129 -1.98 -18.91 33.93
N GLU A 130 -2.56 -19.49 34.97
CA GLU A 130 -3.57 -18.80 35.76
C GLU A 130 -3.00 -17.55 36.45
N ASP A 131 -1.67 -17.46 36.51
CA ASP A 131 -1.02 -16.33 37.14
C ASP A 131 -0.27 -15.46 36.12
N GLY A 132 -0.34 -15.85 34.85
CA GLY A 132 0.33 -15.08 33.80
C GLY A 132 -0.25 -13.71 33.60
N ASN A 133 0.20 -13.00 32.56
CA ASN A 133 -0.30 -11.66 32.28
C ASN A 133 -1.70 -11.68 31.67
N ILE A 134 -2.02 -12.76 30.97
CA ILE A 134 -3.34 -12.89 30.34
C ILE A 134 -4.41 -13.20 31.37
N LEU A 135 -4.42 -14.44 31.86
CA LEU A 135 -5.42 -14.84 32.87
C LEU A 135 -5.34 -13.98 34.11
N GLY A 136 -4.15 -13.45 34.39
CA GLY A 136 -4.00 -12.61 35.57
C GLY A 136 -4.36 -11.15 35.34
N HIS A 137 -4.77 -10.79 34.13
CA HIS A 137 -5.16 -9.42 33.80
C HIS A 137 -4.09 -8.41 34.23
N LYS A 138 -2.94 -8.46 33.58
CA LYS A 138 -1.85 -7.56 33.94
C LYS A 138 -1.38 -6.67 32.80
N LEU A 139 -2.19 -6.51 31.76
CA LEU A 139 -1.78 -5.67 30.63
C LEU A 139 -2.45 -4.31 30.63
N GLU A 140 -1.67 -3.27 30.34
CA GLU A 140 -2.20 -1.92 30.28
C GLU A 140 -3.29 -1.84 29.21
N TYR A 141 -4.24 -0.94 29.40
CA TYR A 141 -5.34 -0.76 28.46
C TYR A 141 -4.93 0.26 27.40
N ASN A 142 -3.98 -0.13 26.57
CA ASN A 142 -3.48 0.71 25.49
C ASN A 142 -3.04 -0.20 24.34
N TYR A 143 -2.55 0.39 23.26
CA TYR A 143 -2.10 -0.38 22.11
C TYR A 143 -1.01 0.38 21.35
N ASN A 144 0.06 -0.32 20.98
CA ASN A 144 1.17 0.30 20.26
C ASN A 144 0.96 0.36 18.75
N SER A 145 1.52 1.39 18.12
CA SER A 145 1.42 1.57 16.67
C SER A 145 2.62 0.94 15.98
N HIS A 146 2.41 0.49 14.74
CA HIS A 146 3.49 -0.17 14.01
C HIS A 146 2.95 -0.61 12.65
N CYS A 147 3.85 -1.04 11.77
CA CYS A 147 3.45 -1.51 10.45
C CYS A 147 3.72 -3.00 10.37
N VAL A 148 2.90 -3.71 9.61
CA VAL A 148 3.10 -5.14 9.43
C VAL A 148 3.38 -5.45 7.96
N TYR A 149 4.18 -6.48 7.74
CA TYR A 149 4.60 -6.94 6.42
C TYR A 149 3.59 -7.87 5.74
N ILE A 150 2.91 -7.36 4.71
CA ILE A 150 1.91 -8.15 4.00
C ILE A 150 2.50 -8.88 2.81
N VAL A 151 2.22 -10.17 2.73
CA VAL A 151 2.74 -10.99 1.66
C VAL A 151 1.64 -11.90 1.10
N ALA A 152 1.69 -12.12 -0.21
CA ALA A 152 0.72 -12.96 -0.89
C ALA A 152 1.10 -14.43 -0.79
N ASP A 153 0.10 -15.29 -0.83
CA ASP A 153 0.26 -16.74 -0.75
C ASP A 153 -0.37 -17.32 -2.02
N LYS A 154 0.34 -17.26 -3.13
CA LYS A 154 -0.21 -17.77 -4.39
C LYS A 154 -0.80 -19.17 -4.28
N GLN A 155 -0.16 -20.03 -3.49
CA GLN A 155 -0.65 -21.38 -3.31
C GLN A 155 -2.08 -21.41 -2.78
N LYS A 156 -2.33 -20.66 -1.70
CA LYS A 156 -3.66 -20.60 -1.10
C LYS A 156 -4.56 -19.54 -1.76
N ASN A 157 -3.98 -18.78 -2.69
CA ASN A 157 -4.72 -17.75 -3.43
C ASN A 157 -5.15 -16.61 -2.50
N GLY A 158 -4.35 -16.34 -1.48
CA GLY A 158 -4.67 -15.28 -0.54
C GLY A 158 -3.42 -14.60 -0.04
N ILE A 159 -3.39 -14.25 1.24
CA ILE A 159 -2.23 -13.59 1.81
C ILE A 159 -1.80 -14.20 3.15
N LYS A 160 -0.52 -13.99 3.48
CA LYS A 160 0.10 -14.47 4.72
C LYS A 160 0.66 -13.29 5.50
N VAL A 161 0.70 -13.44 6.82
CA VAL A 161 1.23 -12.39 7.68
C VAL A 161 1.72 -13.00 8.98
N ASN A 162 2.95 -12.66 9.36
CA ASN A 162 3.55 -13.12 10.60
C ASN A 162 4.07 -11.84 11.23
N PHE A 163 3.45 -11.41 12.32
CA PHE A 163 3.88 -10.20 12.97
C PHE A 163 3.79 -10.37 14.47
N LYS A 164 4.51 -9.52 15.20
CA LYS A 164 4.49 -9.61 16.64
C LYS A 164 3.90 -8.37 17.29
N ILE A 165 3.04 -8.59 18.26
CA ILE A 165 2.40 -7.52 19.01
C ILE A 165 3.04 -7.46 20.39
N ARG A 166 3.32 -6.26 20.86
CA ARG A 166 3.91 -6.08 22.18
C ARG A 166 2.83 -5.43 23.03
N HIS A 167 2.43 -6.11 24.09
CA HIS A 167 1.43 -5.57 25.00
C HIS A 167 2.17 -5.04 26.22
N ASN A 168 1.94 -3.79 26.57
CA ASN A 168 2.60 -3.24 27.74
C ASN A 168 2.06 -3.84 29.01
N ILE A 169 2.98 -4.18 29.91
CA ILE A 169 2.62 -4.75 31.19
C ILE A 169 2.77 -3.63 32.22
N GLU A 170 1.90 -3.63 33.22
CA GLU A 170 1.89 -2.64 34.29
C GLU A 170 3.24 -2.38 34.98
N ASP A 171 4.13 -3.37 34.98
CA ASP A 171 5.43 -3.24 35.62
C ASP A 171 6.54 -2.75 34.67
N GLY A 172 6.14 -2.08 33.60
CA GLY A 172 7.12 -1.56 32.66
C GLY A 172 7.61 -2.54 31.61
N SER A 173 7.38 -3.83 31.82
CA SER A 173 7.83 -4.85 30.86
C SER A 173 6.86 -5.02 29.67
N VAL A 174 6.89 -6.19 29.03
CA VAL A 174 6.01 -6.41 27.88
C VAL A 174 5.63 -7.87 27.65
N GLN A 175 4.41 -8.10 27.18
CA GLN A 175 3.92 -9.45 26.88
C GLN A 175 3.96 -9.60 25.37
N LEU A 176 4.69 -10.61 24.92
CA LEU A 176 4.86 -10.88 23.50
C LEU A 176 3.74 -11.70 22.90
N ALA A 177 3.17 -11.18 21.82
CA ALA A 177 2.09 -11.86 21.11
C ALA A 177 2.54 -12.10 19.68
N ASP A 178 2.98 -13.33 19.41
CA ASP A 178 3.47 -13.72 18.10
C ASP A 178 2.31 -14.21 17.23
N HIS A 179 1.97 -13.42 16.21
CA HIS A 179 0.87 -13.73 15.29
C HIS A 179 1.21 -14.45 13.99
N TYR A 180 0.38 -15.42 13.64
CA TYR A 180 0.52 -16.15 12.39
C TYR A 180 -0.83 -16.10 11.70
N GLN A 181 -0.91 -15.26 10.68
CA GLN A 181 -2.13 -15.02 9.94
C GLN A 181 -2.19 -15.60 8.53
N GLN A 182 -3.34 -16.18 8.19
CA GLN A 182 -3.57 -16.77 6.88
C GLN A 182 -4.95 -16.36 6.39
N ASN A 183 -5.03 -15.78 5.19
CA ASN A 183 -6.32 -15.35 4.64
C ASN A 183 -6.66 -16.05 3.33
N THR A 184 -7.90 -16.54 3.22
CA THR A 184 -8.34 -17.25 2.02
C THR A 184 -9.71 -16.80 1.53
N PRO A 185 -9.87 -16.60 0.21
CA PRO A 185 -11.15 -16.18 -0.37
C PRO A 185 -12.20 -17.23 -0.08
N ILE A 186 -13.43 -16.78 0.14
CA ILE A 186 -14.51 -17.71 0.41
C ILE A 186 -15.07 -18.28 -0.89
N GLY A 187 -15.41 -17.39 -1.83
CA GLY A 187 -15.93 -17.86 -3.09
C GLY A 187 -14.78 -18.26 -4.00
N ASP A 188 -15.05 -18.37 -5.30
CA ASP A 188 -13.97 -18.71 -6.23
C ASP A 188 -13.82 -17.68 -7.34
N GLY A 189 -14.29 -16.47 -7.10
CA GLY A 189 -14.18 -15.40 -8.09
C GLY A 189 -12.79 -14.79 -8.02
N PRO A 190 -12.47 -13.85 -8.92
CA PRO A 190 -11.14 -13.23 -8.92
C PRO A 190 -10.81 -12.44 -7.65
N VAL A 191 -9.55 -12.46 -7.27
CA VAL A 191 -9.08 -11.70 -6.11
C VAL A 191 -7.70 -11.17 -6.47
N LEU A 192 -7.36 -10.01 -5.91
CA LEU A 192 -6.06 -9.41 -6.18
C LEU A 192 -5.00 -9.83 -5.16
N LEU A 193 -3.96 -10.54 -5.61
CA LEU A 193 -2.88 -10.94 -4.72
C LEU A 193 -1.88 -9.81 -4.88
N PRO A 194 -1.36 -9.26 -3.77
CA PRO A 194 -0.41 -8.15 -3.82
C PRO A 194 1.08 -8.47 -3.83
N ASP A 195 1.88 -7.46 -4.16
CA ASP A 195 3.34 -7.57 -4.12
C ASP A 195 3.59 -7.25 -2.66
N ASN A 196 4.70 -7.71 -2.10
CA ASN A 196 4.97 -7.43 -0.70
C ASN A 196 4.85 -5.94 -0.44
N HIS A 197 4.20 -5.59 0.67
CA HIS A 197 4.03 -4.20 1.06
C HIS A 197 3.71 -4.11 2.55
N TYR A 198 3.39 -2.91 3.03
CA TYR A 198 3.10 -2.72 4.44
C TYR A 198 1.71 -2.17 4.78
N LEU A 199 1.27 -2.50 5.98
CA LEU A 199 0.03 -1.99 6.53
C LEU A 199 0.44 -1.40 7.87
N CYS A 200 0.28 -0.10 8.00
CA CYS A 200 0.63 0.58 9.24
C CYS A 200 -0.61 0.86 10.08
N TYR A 201 -0.59 0.42 11.33
CA TYR A 201 -1.71 0.60 12.24
C TYR A 201 -1.48 1.61 13.34
N GLN A 202 -2.58 2.17 13.80
CA GLN A 202 -2.62 3.12 14.91
C GLN A 202 -3.96 2.81 15.58
N SER A 203 -3.93 2.46 16.86
CA SER A 203 -5.17 2.14 17.55
C SER A 203 -5.38 2.96 18.81
N ALA A 204 -6.64 3.09 19.22
CA ALA A 204 -6.96 3.85 20.41
C ALA A 204 -8.06 3.16 21.18
N LEU A 205 -7.81 2.81 22.43
CA LEU A 205 -8.81 2.15 23.25
C LEU A 205 -9.43 3.09 24.28
N SER A 206 -10.74 3.00 24.46
CA SER A 206 -11.40 3.85 25.44
C SER A 206 -12.57 3.16 26.11
N LYS A 207 -13.26 3.90 26.97
CA LYS A 207 -14.44 3.37 27.67
C LYS A 207 -15.59 4.33 27.41
N ASP A 208 -16.81 3.81 27.43
CA ASP A 208 -18.01 4.60 27.26
C ASP A 208 -18.41 4.83 28.70
N PRO A 209 -18.25 6.06 29.21
CA PRO A 209 -18.61 6.33 30.62
C PRO A 209 -20.07 6.04 30.96
N ASN A 210 -20.87 5.78 29.94
CA ASN A 210 -22.28 5.51 30.13
C ASN A 210 -22.53 4.01 30.09
N GLU A 211 -21.52 3.23 29.73
CA GLU A 211 -21.66 1.79 29.64
C GLU A 211 -21.32 1.11 30.95
N LYS A 212 -22.20 0.24 31.42
CA LYS A 212 -21.95 -0.44 32.70
C LYS A 212 -21.56 -1.91 32.62
N ARG A 213 -21.61 -2.49 31.42
CA ARG A 213 -21.21 -3.88 31.22
C ARG A 213 -19.77 -3.84 30.71
N ASP A 214 -19.05 -4.93 30.85
CA ASP A 214 -17.66 -4.96 30.39
C ASP A 214 -17.66 -4.68 28.88
N HIS A 215 -16.84 -3.73 28.46
CA HIS A 215 -16.80 -3.36 27.05
C HIS A 215 -15.49 -2.71 26.66
N MET A 216 -15.37 -2.41 25.37
CA MET A 216 -14.21 -1.72 24.82
C MET A 216 -14.61 -0.92 23.59
N VAL A 217 -14.12 0.31 23.53
CA VAL A 217 -14.37 1.16 22.37
C VAL A 217 -13.03 1.28 21.66
N LEU A 218 -12.98 0.76 20.44
CA LEU A 218 -11.77 0.73 19.62
C LEU A 218 -11.81 1.67 18.43
N LEU A 219 -10.68 2.32 18.19
CA LEU A 219 -10.54 3.24 17.07
C LEU A 219 -9.25 2.82 16.38
N GLU A 220 -9.34 2.45 15.12
CA GLU A 220 -8.16 2.03 14.36
C GLU A 220 -7.99 2.79 13.06
N PHE A 221 -6.76 3.18 12.80
CA PHE A 221 -6.44 3.91 11.58
C PHE A 221 -5.42 3.04 10.85
N VAL A 222 -5.76 2.57 9.66
CA VAL A 222 -4.88 1.70 8.89
C VAL A 222 -4.59 2.14 7.46
N THR A 223 -3.31 2.14 7.09
CA THR A 223 -2.88 2.55 5.76
C THR A 223 -1.92 1.58 5.09
N ALA A 224 -2.14 1.35 3.80
CA ALA A 224 -1.27 0.47 3.03
C ALA A 224 -0.08 1.34 2.58
N ALA A 225 1.10 0.76 2.46
CA ALA A 225 2.26 1.53 2.04
C ALA A 225 3.42 0.65 1.60
N GLY A 226 4.38 1.23 0.88
CA GLY A 226 5.53 0.45 0.46
C GLY A 226 5.73 0.16 -1.02
N ILE A 227 4.69 0.31 -1.84
CA ILE A 227 4.82 0.08 -3.29
C ILE A 227 5.18 1.40 -3.95
N THR A 228 5.98 1.35 -5.01
CA THR A 228 6.41 2.57 -5.69
C THR A 228 5.42 3.09 -6.74
N HIS A 229 5.32 4.41 -6.85
CA HIS A 229 4.42 5.03 -7.83
C HIS A 229 4.85 4.68 -9.26
N GLY A 230 4.23 3.65 -9.83
CA GLY A 230 4.58 3.23 -11.17
C GLY A 230 4.52 4.22 -12.32
N MET A 231 3.68 5.25 -12.21
CA MET A 231 3.52 6.24 -13.28
C MET A 231 4.78 6.87 -13.90
N HIS A 232 5.61 7.52 -13.09
CA HIS A 232 6.81 8.12 -13.65
C HIS A 232 7.82 7.06 -14.05
N GLU A 233 7.65 5.86 -13.51
CA GLU A 233 8.52 4.74 -13.85
C GLU A 233 8.20 4.34 -15.29
N LEU A 234 6.91 4.14 -15.56
CA LEU A 234 6.45 3.76 -16.89
C LEU A 234 7.01 4.75 -17.90
N TYR A 235 7.06 6.02 -17.49
CA TYR A 235 7.57 7.10 -18.33
C TYR A 235 8.89 6.70 -18.96
N LYS A 236 9.75 6.05 -18.18
CA LYS A 236 11.05 5.62 -18.66
C LYS A 236 10.98 4.32 -19.46
N SER A 237 10.14 3.39 -19.03
CA SER A 237 9.98 2.11 -19.71
C SER A 237 9.15 2.23 -21.00
N GLY A 238 9.43 1.38 -21.98
CA GLY A 238 8.68 1.42 -23.23
C GLY A 238 8.96 0.28 -24.18
N SER A 239 7.92 -0.15 -24.89
CA SER A 239 8.06 -1.25 -25.84
C SER A 239 8.35 -0.76 -27.24
N GLY A 244 13.27 -4.71 -36.94
CA GLY A 244 14.64 -4.80 -37.42
C GLY A 244 15.51 -3.62 -37.00
N MET A 245 16.78 -3.89 -36.74
CA MET A 245 17.71 -2.85 -36.32
C MET A 245 17.77 -1.72 -37.35
N VAL A 246 18.19 -0.54 -36.88
CA VAL A 246 18.29 0.63 -37.73
C VAL A 246 19.63 0.67 -38.48
N SER A 247 19.60 1.20 -39.69
CA SER A 247 20.80 1.32 -40.53
C SER A 247 21.81 2.29 -39.91
N GLN A 248 23.09 2.02 -40.14
CA GLN A 248 24.12 2.90 -39.60
C GLN A 248 23.89 4.29 -40.18
N GLU A 249 23.40 4.32 -41.41
CA GLU A 249 23.10 5.56 -42.11
C GLU A 249 22.33 6.45 -41.13
N THR A 250 21.20 5.95 -40.66
CA THR A 250 20.35 6.66 -39.72
C THR A 250 21.07 6.93 -38.39
N ILE A 251 21.88 5.98 -37.93
CA ILE A 251 22.59 6.16 -36.67
C ILE A 251 23.53 7.36 -36.70
N LYS A 252 24.36 7.45 -37.73
CA LYS A 252 25.30 8.56 -37.82
C LYS A 252 24.52 9.87 -37.88
N HIS A 253 23.50 9.89 -38.74
CA HIS A 253 22.65 11.06 -38.90
C HIS A 253 22.17 11.58 -37.55
N VAL A 254 21.56 10.71 -36.74
CA VAL A 254 21.09 11.12 -35.43
C VAL A 254 22.28 11.58 -34.60
N LYS A 255 23.42 10.93 -34.76
CA LYS A 255 24.60 11.35 -34.02
C LYS A 255 24.97 12.77 -34.47
N ASP A 256 25.00 12.98 -35.78
CA ASP A 256 25.30 14.29 -36.32
C ASP A 256 24.36 15.30 -35.70
N LEU A 257 23.06 15.01 -35.73
CA LEU A 257 22.08 15.89 -35.14
C LEU A 257 22.45 16.24 -33.69
N ILE A 258 23.00 15.25 -32.98
CA ILE A 258 23.38 15.46 -31.59
C ILE A 258 24.61 16.34 -31.46
N ALA A 259 25.62 16.08 -32.29
CA ALA A 259 26.87 16.84 -32.25
C ALA A 259 26.75 18.25 -32.84
N GLU A 260 25.96 18.39 -33.89
CA GLU A 260 25.78 19.69 -34.55
C GLU A 260 24.78 20.60 -33.86
N ASN A 261 24.37 20.27 -32.64
CA ASN A 261 23.43 21.12 -31.91
C ASN A 261 23.74 21.27 -30.43
N GLU A 262 23.64 22.51 -29.95
CA GLU A 262 23.92 22.82 -28.55
C GLU A 262 22.94 22.06 -27.66
N ILE A 263 21.66 22.23 -27.93
CA ILE A 263 20.64 21.50 -27.19
C ILE A 263 19.83 20.69 -28.20
N PHE A 264 19.58 19.43 -27.87
CA PHE A 264 18.86 18.54 -28.75
C PHE A 264 17.68 17.96 -27.97
N VAL A 265 16.49 17.99 -28.57
CA VAL A 265 15.33 17.42 -27.89
C VAL A 265 14.39 16.66 -28.81
N ALA A 266 14.39 15.34 -28.71
CA ALA A 266 13.51 14.50 -29.51
C ALA A 266 12.24 14.35 -28.68
N SER A 267 11.10 14.76 -29.24
CA SER A 267 9.85 14.69 -28.51
C SER A 267 8.64 14.42 -29.42
N LYS A 268 7.47 14.29 -28.79
CA LYS A 268 6.22 14.07 -29.50
C LYS A 268 5.23 15.12 -29.03
N THR A 269 4.43 15.62 -29.98
CA THR A 269 3.48 16.68 -29.68
C THR A 269 2.44 16.40 -28.60
N TYR A 270 2.11 15.13 -28.39
CA TYR A 270 1.11 14.79 -27.39
C TYR A 270 1.67 14.34 -26.05
N CYS A 271 2.98 14.12 -25.98
CA CYS A 271 3.65 13.66 -24.76
C CYS A 271 3.84 14.73 -23.67
N PRO A 272 3.22 14.53 -22.49
CA PRO A 272 3.27 15.43 -21.33
C PRO A 272 4.68 15.73 -20.83
N TYR A 273 5.50 14.69 -20.81
CA TYR A 273 6.87 14.81 -20.35
C TYR A 273 7.67 15.69 -21.27
N SER A 274 7.35 15.64 -22.56
CA SER A 274 8.03 16.47 -23.54
C SER A 274 7.54 17.90 -23.30
N HIS A 275 6.23 18.04 -23.15
CA HIS A 275 5.63 19.36 -22.90
C HIS A 275 6.38 20.07 -21.78
N ALA A 276 6.54 19.36 -20.67
CA ALA A 276 7.20 19.89 -19.50
C ALA A 276 8.69 20.14 -19.73
N ALA A 277 9.36 19.22 -20.39
CA ALA A 277 10.79 19.39 -20.63
C ALA A 277 11.00 20.66 -21.44
N LEU A 278 10.16 20.88 -22.43
CA LEU A 278 10.23 22.05 -23.29
C LEU A 278 9.88 23.32 -22.53
N ASN A 279 8.80 23.28 -21.77
CA ASN A 279 8.40 24.46 -21.01
C ASN A 279 9.54 24.85 -20.09
N THR A 280 10.22 23.86 -19.55
CA THR A 280 11.34 24.13 -18.64
C THR A 280 12.45 24.89 -19.37
N LEU A 281 12.81 24.43 -20.56
CA LEU A 281 13.88 25.09 -21.32
C LEU A 281 13.53 26.43 -21.94
N PHE A 282 12.35 26.53 -22.55
CA PHE A 282 11.95 27.77 -23.19
C PHE A 282 11.31 28.82 -22.29
N GLU A 283 10.59 28.38 -21.26
CA GLU A 283 9.94 29.35 -20.39
C GLU A 283 10.70 29.57 -19.08
N LYS A 284 10.71 28.56 -18.23
CA LYS A 284 11.37 28.64 -16.94
C LYS A 284 12.83 29.13 -17.06
N LEU A 285 13.61 28.48 -17.93
CA LEU A 285 15.01 28.83 -18.11
C LEU A 285 15.28 29.75 -19.30
N LYS A 286 14.22 30.33 -19.84
CA LYS A 286 14.27 31.25 -20.97
C LYS A 286 15.41 31.01 -21.95
N VAL A 287 15.46 29.82 -22.52
CA VAL A 287 16.51 29.49 -23.49
C VAL A 287 16.06 29.87 -24.90
N PRO A 288 16.99 30.39 -25.71
CA PRO A 288 16.75 30.81 -27.09
C PRO A 288 16.39 29.68 -28.04
N ARG A 289 15.29 29.83 -28.77
CA ARG A 289 14.87 28.81 -29.73
C ARG A 289 15.95 28.47 -30.74
N SER A 290 16.91 29.38 -30.93
CA SER A 290 18.01 29.18 -31.87
C SER A 290 19.11 28.26 -31.33
N LYS A 291 18.99 27.91 -30.06
CA LYS A 291 19.98 27.05 -29.41
C LYS A 291 19.44 25.63 -29.25
N VAL A 292 18.12 25.50 -29.35
CA VAL A 292 17.47 24.22 -29.16
C VAL A 292 16.87 23.62 -30.42
N LEU A 293 17.39 22.46 -30.83
CA LEU A 293 16.86 21.76 -31.99
C LEU A 293 15.80 20.80 -31.48
N VAL A 294 14.54 21.13 -31.72
CA VAL A 294 13.45 20.29 -31.29
C VAL A 294 13.03 19.36 -32.42
N LEU A 295 12.44 18.22 -32.09
CA LEU A 295 12.00 17.27 -33.09
C LEU A 295 10.70 16.61 -32.67
N GLN A 296 9.65 16.82 -33.45
CA GLN A 296 8.36 16.20 -33.15
C GLN A 296 8.33 14.89 -33.96
N LEU A 297 8.84 13.82 -33.38
CA LEU A 297 8.90 12.53 -34.05
C LEU A 297 7.58 12.02 -34.62
N ASN A 298 6.48 12.33 -33.95
CA ASN A 298 5.20 11.89 -34.47
C ASN A 298 4.78 12.74 -35.67
N ASP A 299 5.65 13.70 -36.04
CA ASP A 299 5.40 14.59 -37.18
C ASP A 299 6.56 14.55 -38.17
N MET A 300 7.09 13.36 -38.41
CA MET A 300 8.19 13.19 -39.33
C MET A 300 8.05 11.86 -40.04
N LYS A 301 8.67 11.76 -41.21
CA LYS A 301 8.62 10.54 -41.99
C LYS A 301 9.50 9.48 -41.32
N GLU A 302 10.67 9.92 -40.84
CA GLU A 302 11.61 9.01 -40.19
C GLU A 302 11.54 9.08 -38.67
N GLY A 303 10.41 9.51 -38.12
CA GLY A 303 10.28 9.60 -36.68
C GLY A 303 10.66 8.28 -36.01
N ALA A 304 10.01 7.21 -36.46
CA ALA A 304 10.26 5.88 -35.92
C ALA A 304 11.74 5.54 -36.00
N ASP A 305 12.30 5.63 -37.20
CA ASP A 305 13.70 5.34 -37.43
C ASP A 305 14.61 6.12 -36.49
N ILE A 306 14.37 7.42 -36.41
CA ILE A 306 15.17 8.27 -35.54
C ILE A 306 15.14 7.76 -34.10
N GLN A 307 13.94 7.64 -33.55
CA GLN A 307 13.77 7.16 -32.19
C GLN A 307 14.41 5.80 -32.02
N ALA A 308 14.31 4.96 -33.05
CA ALA A 308 14.90 3.65 -33.01
C ALA A 308 16.41 3.84 -32.84
N ALA A 309 16.98 4.60 -33.77
CA ALA A 309 18.41 4.91 -33.77
C ALA A 309 18.86 5.49 -32.44
N LEU A 310 18.02 6.31 -31.82
CA LEU A 310 18.35 6.87 -30.52
C LEU A 310 18.59 5.77 -29.50
N TYR A 311 17.64 4.84 -29.39
CA TYR A 311 17.76 3.74 -28.46
C TYR A 311 19.07 3.00 -28.66
N GLU A 312 19.38 2.74 -29.93
CA GLU A 312 20.60 2.05 -30.31
C GLU A 312 21.83 2.83 -29.84
N ILE A 313 21.69 4.15 -29.75
CA ILE A 313 22.77 5.03 -29.35
C ILE A 313 22.90 5.29 -27.85
N ASN A 314 21.79 5.24 -27.12
CA ASN A 314 21.82 5.52 -25.69
C ASN A 314 20.96 4.60 -24.85
N GLY A 315 20.23 3.69 -25.50
CA GLY A 315 19.39 2.79 -24.74
C GLY A 315 18.03 3.30 -24.30
N GLN A 316 17.80 4.60 -24.42
CA GLN A 316 16.50 5.16 -24.03
C GLN A 316 15.47 4.86 -25.12
N ARG A 317 14.26 4.50 -24.70
CA ARG A 317 13.20 4.15 -25.63
C ARG A 317 12.07 5.17 -25.63
N THR A 318 12.15 6.15 -24.74
CA THR A 318 11.10 7.13 -24.63
C THR A 318 11.47 8.57 -24.94
N VAL A 319 10.47 9.36 -25.30
CA VAL A 319 10.67 10.77 -25.57
C VAL A 319 10.11 11.38 -24.30
N PRO A 320 10.63 12.54 -23.87
CA PRO A 320 11.70 13.34 -24.46
C PRO A 320 13.09 12.75 -24.28
N ASN A 321 13.90 12.81 -25.33
CA ASN A 321 15.27 12.32 -25.25
C ASN A 321 16.14 13.55 -25.42
N ILE A 322 16.66 14.04 -24.31
CA ILE A 322 17.45 15.26 -24.31
C ILE A 322 18.96 15.10 -24.27
N TYR A 323 19.63 16.06 -24.89
CA TYR A 323 21.08 16.10 -24.97
C TYR A 323 21.51 17.56 -24.83
N ILE A 324 22.75 17.75 -24.41
CA ILE A 324 23.28 19.09 -24.29
C ILE A 324 24.78 19.02 -24.57
N ASN A 325 25.22 19.82 -25.55
CA ASN A 325 26.60 19.86 -25.95
C ASN A 325 27.18 18.47 -26.22
N GLY A 326 26.39 17.63 -26.87
CA GLY A 326 26.85 16.28 -27.19
C GLY A 326 26.69 15.28 -26.06
N LYS A 327 26.39 15.78 -24.86
CA LYS A 327 26.21 14.93 -23.70
C LYS A 327 24.75 14.57 -23.53
N HIS A 328 24.48 13.27 -23.35
CA HIS A 328 23.13 12.78 -23.15
C HIS A 328 22.69 13.10 -21.74
N ILE A 329 21.48 13.63 -21.61
CA ILE A 329 20.94 13.98 -20.30
C ILE A 329 19.90 12.96 -19.88
N GLY A 330 18.97 12.64 -20.79
CA GLY A 330 17.93 11.68 -20.48
C GLY A 330 16.53 12.19 -20.78
N GLY A 331 15.66 12.10 -19.77
CA GLY A 331 14.30 12.54 -19.92
C GLY A 331 14.03 13.78 -19.11
N ASN A 332 12.76 14.02 -18.81
CA ASN A 332 12.38 15.21 -18.04
C ASN A 332 12.85 15.14 -16.59
N ASP A 333 12.68 13.98 -15.96
CA ASP A 333 13.10 13.81 -14.58
C ASP A 333 14.62 14.02 -14.44
N ASP A 334 15.36 13.63 -15.48
CA ASP A 334 16.81 13.83 -15.47
C ASP A 334 17.07 15.32 -15.59
N LEU A 335 16.27 16.00 -16.42
CA LEU A 335 16.41 17.44 -16.63
C LEU A 335 16.07 18.19 -15.35
N GLN A 336 15.06 17.71 -14.62
CA GLN A 336 14.66 18.35 -13.37
C GLN A 336 15.74 18.05 -12.33
N GLU A 337 16.28 16.84 -12.41
CA GLU A 337 17.35 16.40 -11.53
C GLU A 337 18.43 17.48 -11.54
N LEU A 338 18.98 17.73 -12.73
CA LEU A 338 20.03 18.73 -12.92
C LEU A 338 19.59 20.15 -12.62
N ARG A 339 18.29 20.40 -12.67
CA ARG A 339 17.78 21.73 -12.37
C ARG A 339 17.95 22.01 -10.89
N GLU A 340 17.62 21.02 -10.06
CA GLU A 340 17.73 21.16 -8.62
C GLU A 340 19.17 21.14 -8.11
N THR A 341 19.95 20.15 -8.52
CA THR A 341 21.34 20.08 -8.07
C THR A 341 22.10 21.29 -8.60
N GLY A 342 21.44 22.09 -9.44
CA GLY A 342 22.07 23.27 -10.00
C GLY A 342 23.00 22.99 -11.17
N GLU A 343 23.16 21.71 -11.50
CA GLU A 343 24.02 21.30 -12.62
C GLU A 343 23.57 21.90 -13.95
N LEU A 344 22.27 21.89 -14.19
CA LEU A 344 21.74 22.43 -15.44
C LEU A 344 22.19 23.86 -15.68
N GLU A 345 21.91 24.74 -14.72
CA GLU A 345 22.30 26.14 -14.85
C GLU A 345 23.72 26.33 -15.38
N GLU A 346 24.66 25.56 -14.85
CA GLU A 346 26.05 25.66 -15.29
C GLU A 346 26.26 25.08 -16.67
N LEU A 347 25.42 24.12 -17.04
CA LEU A 347 25.50 23.49 -18.35
C LEU A 347 25.05 24.47 -19.42
N LEU A 348 24.09 25.30 -19.04
CA LEU A 348 23.53 26.29 -19.94
C LEU A 348 24.35 27.57 -19.97
N GLU A 349 25.03 27.87 -18.87
CA GLU A 349 25.83 29.09 -18.79
C GLU A 349 26.60 29.34 -20.08
N PRO A 350 27.51 28.44 -20.45
CA PRO A 350 28.27 28.65 -21.69
C PRO A 350 27.37 28.86 -22.91
N ILE A 351 26.40 27.95 -23.09
CA ILE A 351 25.47 28.03 -24.21
C ILE A 351 24.76 29.38 -24.24
N LEU A 352 24.46 29.93 -23.07
CA LEU A 352 23.80 31.23 -23.01
C LEU A 352 24.86 32.32 -22.88
#